data_4ZYX
#
_entry.id   4ZYX
#
_cell.length_a   75.328
_cell.length_b   75.328
_cell.length_c   100.856
_cell.angle_alpha   90.000
_cell.angle_beta   90.000
_cell.angle_gamma   120.000
#
_symmetry.space_group_name_H-M   'P 32 2 1'
#
loop_
_entity.id
_entity.type
_entity.pdbx_description
1 polymer 'Trifunctional purine biosynthetic protein adenosine-3'
2 non-polymer 'GLYCINAMIDE RIBONUCLEOTIDE'
3 non-polymer 'N-({4-[4-(2-amino-4-oxo-4,7-dihydro-3H-pyrrolo[2,3-d]pyrimidin-6-yl)butyl]thiophen-2-yl}carbonyl)-L-glutamic acid'
4 water water
#
_entity_poly.entity_id   1
_entity_poly.type   'polypeptide(L)'
_entity_poly.pdbx_seq_one_letter_code
;MARVAVLISGTGSNLQALIDSTREPNSSAQIDIVISNKAAVAGLDKAERAGIPTRVINHKLYKNRVEFDSAIDLVLEEFS
IDIVCLAGFMRILSGPFVQKWNGKMLNIHPSLLPSFKGSNAHEQALETGVTVTGCTVHFVAEDVDAGQIILQEAVPVKRG
DTVATLSERVKLAEHKIFPAALQLVASGTVQLGENGKICWVKEEHHHHHH
;
_entity_poly.pdbx_strand_id   A
#
loop_
_chem_comp.id
_chem_comp.type
_chem_comp.name
_chem_comp.formula
3YB non-polymer 'N-({4-[4-(2-amino-4-oxo-4,7-dihydro-3H-pyrrolo[2,3-d]pyrimidin-6-yl)butyl]thiophen-2-yl}carbonyl)-L-glutamic acid' 'C20 H23 N5 O6 S'
GAR non-polymer 'GLYCINAMIDE RIBONUCLEOTIDE' 'C7 H13 N2 O8 P -2'
#
# COMPACT_ATOMS: atom_id res chain seq x y z
N ALA A 2 16.33 2.55 4.07
CA ALA A 2 15.39 1.52 4.50
C ALA A 2 15.01 0.58 3.37
N ARG A 3 14.92 -0.71 3.71
CA ARG A 3 14.65 -1.76 2.74
C ARG A 3 13.15 -2.04 2.68
N VAL A 4 12.59 -2.00 1.47
CA VAL A 4 11.13 -2.02 1.31
C VAL A 4 10.66 -3.23 0.49
N ALA A 5 9.58 -3.86 0.96
CA ALA A 5 8.86 -4.83 0.17
C ALA A 5 7.56 -4.20 -0.31
N VAL A 6 7.18 -4.43 -1.56
CA VAL A 6 5.88 -3.96 -2.04
C VAL A 6 5.03 -5.18 -2.35
N LEU A 7 3.85 -5.24 -1.72
CA LEU A 7 2.91 -6.34 -1.95
C LEU A 7 1.82 -5.86 -2.90
N ILE A 8 1.49 -6.70 -3.90
CA ILE A 8 0.52 -6.33 -4.94
C ILE A 8 -0.46 -7.48 -5.18
N SER A 9 -1.58 -7.17 -5.84
CA SER A 9 -2.52 -8.20 -6.31
C SER A 9 -2.91 -8.01 -7.77
N GLY A 10 -2.44 -6.93 -8.40
CA GLY A 10 -2.95 -6.56 -9.70
C GLY A 10 -2.07 -5.74 -10.62
N THR A 11 -2.65 -4.65 -11.16
CA THR A 11 -2.04 -3.87 -12.23
C THR A 11 -0.67 -3.28 -11.87
N GLY A 12 -0.58 -2.72 -10.67
CA GLY A 12 0.68 -2.23 -10.18
C GLY A 12 1.04 -0.79 -10.53
N SER A 13 0.04 0.06 -10.78
CA SER A 13 0.36 1.47 -11.03
C SER A 13 0.96 2.11 -9.78
N ASN A 14 0.46 1.77 -8.59
CA ASN A 14 1.08 2.33 -7.39
C ASN A 14 2.51 1.82 -7.22
N LEU A 15 2.73 0.53 -7.48
CA LEU A 15 4.08 -0.02 -7.47
C LEU A 15 5.00 0.77 -8.40
N GLN A 16 4.55 1.07 -9.62
CA GLN A 16 5.40 1.80 -10.55
C GLN A 16 5.76 3.19 -10.02
N ALA A 17 4.79 3.87 -9.41
CA ALA A 17 5.08 5.19 -8.85
C ALA A 17 6.11 5.09 -7.71
N LEU A 18 6.04 4.02 -6.92
CA LEU A 18 7.03 3.79 -5.86
C LEU A 18 8.40 3.43 -6.46
N ILE A 19 8.42 2.67 -7.54
CA ILE A 19 9.70 2.35 -8.19
C ILE A 19 10.35 3.64 -8.66
N ASP A 20 9.57 4.50 -9.32
CA ASP A 20 10.10 5.76 -9.83
C ASP A 20 10.64 6.65 -8.70
N SER A 21 9.87 6.77 -7.62
N SER A 21 9.87 6.75 -7.63
CA SER A 21 10.25 7.67 -6.54
CA SER A 21 10.23 7.64 -6.52
C SER A 21 11.47 7.14 -5.77
C SER A 21 11.45 7.14 -5.76
N THR A 22 11.50 5.84 -5.52
CA THR A 22 12.57 5.27 -4.69
C THR A 22 13.88 5.21 -5.45
N ARG A 23 13.85 5.50 -6.75
CA ARG A 23 15.08 5.51 -7.53
C ARG A 23 15.69 6.91 -7.67
N GLU A 24 14.98 7.93 -7.21
N GLU A 24 14.98 7.93 -7.20
CA GLU A 24 15.54 9.29 -7.17
CA GLU A 24 15.52 9.29 -7.13
C GLU A 24 16.66 9.34 -6.16
C GLU A 24 16.69 9.31 -6.15
N PRO A 25 17.73 10.10 -6.46
CA PRO A 25 18.93 10.11 -5.60
C PRO A 25 18.66 10.31 -4.12
N ASN A 26 17.73 11.20 -3.76
CA ASN A 26 17.52 11.47 -2.34
C ASN A 26 16.56 10.52 -1.64
N SER A 27 16.14 9.46 -2.34
CA SER A 27 15.25 8.49 -1.73
C SER A 27 15.89 7.78 -0.54
N SER A 28 15.15 7.74 0.57
N SER A 28 15.16 7.73 0.57
CA SER A 28 15.59 7.03 1.77
CA SER A 28 15.62 7.01 1.76
C SER A 28 15.13 5.58 1.76
C SER A 28 15.09 5.59 1.78
N ALA A 29 14.44 5.19 0.69
CA ALA A 29 13.88 3.84 0.57
C ALA A 29 14.39 3.14 -0.68
N GLN A 30 14.62 1.84 -0.58
CA GLN A 30 14.94 1.03 -1.74
C GLN A 30 13.96 -0.14 -1.79
N ILE A 31 13.45 -0.47 -2.99
CA ILE A 31 12.55 -1.61 -3.09
C ILE A 31 13.37 -2.84 -3.42
N ASP A 32 13.36 -3.81 -2.51
CA ASP A 32 14.18 -5.01 -2.66
C ASP A 32 13.42 -6.27 -3.07
N ILE A 33 12.10 -6.25 -2.97
CA ILE A 33 11.29 -7.41 -3.33
C ILE A 33 9.85 -6.97 -3.59
N VAL A 34 9.25 -7.57 -4.61
CA VAL A 34 7.82 -7.40 -4.89
C VAL A 34 7.15 -8.75 -4.73
N ILE A 35 6.11 -8.79 -3.90
CA ILE A 35 5.37 -10.02 -3.65
C ILE A 35 3.93 -9.89 -4.14
N SER A 36 3.50 -10.85 -4.95
CA SER A 36 2.11 -10.88 -5.39
C SER A 36 1.43 -12.12 -4.83
N ASN A 37 0.16 -11.99 -4.45
CA ASN A 37 -0.61 -13.19 -4.08
C ASN A 37 -1.30 -13.78 -5.32
N LYS A 38 -1.07 -13.16 -6.47
CA LYS A 38 -1.69 -13.62 -7.72
C LYS A 38 -0.68 -13.71 -8.86
N ALA A 39 -0.74 -14.83 -9.59
CA ALA A 39 0.16 -15.04 -10.72
C ALA A 39 -0.27 -14.24 -11.94
N ALA A 40 0.71 -13.91 -12.78
CA ALA A 40 0.46 -13.33 -14.09
C ALA A 40 -0.32 -12.01 -14.03
N VAL A 41 0.00 -11.18 -13.03
CA VAL A 41 -0.58 -9.85 -12.98
C VAL A 41 0.44 -8.85 -13.52
N ALA A 42 -0.05 -7.73 -14.04
CA ALA A 42 0.81 -6.77 -14.72
C ALA A 42 1.86 -6.17 -13.80
N GLY A 43 1.56 -6.12 -12.50
CA GLY A 43 2.51 -5.56 -11.54
C GLY A 43 3.82 -6.34 -11.51
N LEU A 44 3.75 -7.64 -11.79
CA LEU A 44 4.96 -8.45 -11.80
C LEU A 44 5.85 -8.09 -12.99
N ASP A 45 5.22 -7.81 -14.13
CA ASP A 45 5.95 -7.33 -15.32
C ASP A 45 6.69 -6.04 -15.02
N LYS A 46 6.04 -5.12 -14.32
CA LYS A 46 6.65 -3.83 -14.01
C LYS A 46 7.87 -4.02 -13.11
N ALA A 47 7.75 -4.94 -12.16
CA ALA A 47 8.86 -5.21 -11.25
C ALA A 47 10.04 -5.80 -12.01
N GLU A 48 9.77 -6.80 -12.85
CA GLU A 48 10.83 -7.47 -13.59
C GLU A 48 11.51 -6.51 -14.55
N ARG A 49 10.72 -5.65 -15.20
CA ARG A 49 11.30 -4.69 -16.14
C ARG A 49 12.19 -3.71 -15.38
N ALA A 50 11.89 -3.48 -14.11
CA ALA A 50 12.68 -2.60 -13.26
C ALA A 50 13.85 -3.32 -12.60
N GLY A 51 13.98 -4.62 -12.86
CA GLY A 51 15.07 -5.40 -12.30
C GLY A 51 14.92 -5.70 -10.82
N ILE A 52 13.68 -5.75 -10.36
CA ILE A 52 13.39 -6.05 -8.96
C ILE A 52 12.90 -7.49 -8.84
N PRO A 53 13.48 -8.26 -7.89
CA PRO A 53 13.05 -9.64 -7.62
C PRO A 53 11.56 -9.73 -7.32
N THR A 54 10.93 -10.83 -7.74
CA THR A 54 9.51 -11.06 -7.47
C THR A 54 9.27 -12.45 -6.87
N ARG A 55 8.24 -12.53 -6.03
N ARG A 55 8.24 -12.54 -6.04
CA ARG A 55 7.75 -13.82 -5.55
CA ARG A 55 7.76 -13.84 -5.56
C ARG A 55 6.24 -13.86 -5.67
C ARG A 55 6.25 -13.87 -5.65
N VAL A 56 5.71 -14.99 -6.09
CA VAL A 56 4.27 -15.19 -6.07
C VAL A 56 3.95 -16.13 -4.91
N ILE A 57 3.17 -15.65 -3.97
CA ILE A 57 2.70 -16.47 -2.85
C ILE A 57 1.20 -16.58 -2.94
N ASN A 58 0.73 -17.67 -3.52
CA ASN A 58 -0.70 -17.91 -3.76
C ASN A 58 -1.46 -18.22 -2.48
N HIS A 59 -2.35 -17.31 -2.06
CA HIS A 59 -3.08 -17.50 -0.81
C HIS A 59 -3.99 -18.73 -0.86
N LYS A 60 -4.37 -19.14 -2.07
N LYS A 60 -4.36 -19.14 -2.07
CA LYS A 60 -5.26 -20.28 -2.25
CA LYS A 60 -5.26 -20.28 -2.28
C LYS A 60 -4.61 -21.59 -1.80
C LYS A 60 -4.59 -21.62 -1.97
N LEU A 61 -3.29 -21.59 -1.70
CA LEU A 61 -2.55 -22.82 -1.41
C LEU A 61 -2.32 -23.05 0.07
N TYR A 62 -2.88 -22.19 0.91
CA TYR A 62 -2.64 -22.27 2.35
C TYR A 62 -3.92 -22.56 3.12
N LYS A 63 -3.78 -23.23 4.27
CA LYS A 63 -4.92 -23.67 5.06
C LYS A 63 -5.70 -22.50 5.64
N ASN A 64 -5.00 -21.42 5.98
CA ASN A 64 -5.65 -20.28 6.59
C ASN A 64 -4.82 -19.00 6.41
N ARG A 65 -5.33 -17.89 6.93
CA ARG A 65 -4.68 -16.60 6.81
C ARG A 65 -3.29 -16.58 7.47
N VAL A 66 -3.20 -17.15 8.67
CA VAL A 66 -1.96 -17.15 9.43
C VAL A 66 -0.81 -17.86 8.69
N GLU A 67 -1.11 -18.97 8.03
CA GLU A 67 -0.08 -19.72 7.29
C GLU A 67 0.37 -18.96 6.03
N PHE A 68 -0.57 -18.31 5.37
CA PHE A 68 -0.27 -17.48 4.21
C PHE A 68 0.64 -16.32 4.62
N ASP A 69 0.25 -15.63 5.67
CA ASP A 69 1.04 -14.51 6.20
C ASP A 69 2.44 -14.96 6.63
N SER A 70 2.54 -16.16 7.18
N SER A 70 2.54 -16.16 7.18
CA SER A 70 3.82 -16.69 7.60
CA SER A 70 3.83 -16.70 7.59
C SER A 70 4.74 -16.88 6.39
C SER A 70 4.74 -16.88 6.39
N ALA A 71 4.16 -17.28 5.26
CA ALA A 71 4.92 -17.46 4.03
C ALA A 71 5.43 -16.12 3.51
N ILE A 72 4.57 -15.10 3.60
CA ILE A 72 5.00 -13.75 3.25
C ILE A 72 6.15 -13.32 4.15
N ASP A 73 5.96 -13.52 5.45
CA ASP A 73 6.94 -13.08 6.44
C ASP A 73 8.32 -13.71 6.20
N LEU A 74 8.32 -14.99 5.80
CA LEU A 74 9.59 -15.66 5.51
C LEU A 74 10.37 -14.91 4.43
N VAL A 75 9.67 -14.43 3.40
CA VAL A 75 10.31 -13.73 2.30
C VAL A 75 10.79 -12.35 2.77
N LEU A 76 9.99 -11.71 3.60
CA LEU A 76 10.38 -10.42 4.17
C LEU A 76 11.69 -10.56 4.97
N GLU A 77 11.81 -11.65 5.71
CA GLU A 77 13.01 -11.88 6.49
C GLU A 77 14.18 -12.23 5.58
N GLU A 78 13.90 -13.00 4.53
CA GLU A 78 14.92 -13.37 3.55
C GLU A 78 15.59 -12.13 2.97
N PHE A 79 14.80 -11.09 2.74
CA PHE A 79 15.30 -9.87 2.11
C PHE A 79 15.57 -8.76 3.12
N SER A 80 15.61 -9.09 4.41
N SER A 80 15.60 -9.10 4.41
CA SER A 80 15.95 -8.14 5.47
CA SER A 80 15.93 -8.17 5.47
C SER A 80 15.13 -6.86 5.35
C SER A 80 15.13 -6.88 5.39
N ILE A 81 13.83 -7.02 5.18
CA ILE A 81 12.93 -5.90 4.94
C ILE A 81 12.64 -5.07 6.20
N ASP A 82 12.66 -3.74 6.04
CA ASP A 82 12.34 -2.81 7.13
C ASP A 82 10.90 -2.30 7.06
N ILE A 83 10.40 -2.10 5.84
CA ILE A 83 9.11 -1.46 5.62
C ILE A 83 8.33 -2.23 4.56
N VAL A 84 7.05 -2.45 4.81
CA VAL A 84 6.16 -3.11 3.87
C VAL A 84 5.15 -2.12 3.32
N CYS A 85 5.00 -2.07 1.98
CA CYS A 85 3.94 -1.26 1.35
C CYS A 85 2.91 -2.15 0.69
N LEU A 86 1.64 -1.98 1.07
CA LEU A 86 0.55 -2.69 0.41
C LEU A 86 0.01 -1.80 -0.70
N ALA A 87 0.23 -2.23 -1.94
CA ALA A 87 -0.05 -1.38 -3.10
C ALA A 87 -0.98 -2.13 -4.04
N GLY A 88 -2.27 -2.03 -3.78
CA GLY A 88 -3.25 -2.81 -4.51
C GLY A 88 -3.31 -4.26 -4.07
N PHE A 89 -2.67 -4.58 -2.94
CA PHE A 89 -2.75 -5.89 -2.30
C PHE A 89 -4.11 -6.02 -1.63
N MET A 90 -4.88 -7.05 -1.99
CA MET A 90 -6.27 -7.04 -1.56
C MET A 90 -6.63 -8.06 -0.46
N ARG A 91 -5.64 -8.63 0.22
CA ARG A 91 -5.92 -9.55 1.32
C ARG A 91 -5.89 -8.88 2.69
N ILE A 92 -6.84 -9.24 3.53
CA ILE A 92 -6.80 -8.89 4.95
C ILE A 92 -5.69 -9.68 5.63
N LEU A 93 -4.85 -9.01 6.42
CA LEU A 93 -3.74 -9.64 7.09
C LEU A 93 -4.10 -10.05 8.51
N SER A 94 -3.50 -11.14 8.98
CA SER A 94 -3.76 -11.65 10.33
C SER A 94 -3.21 -10.74 11.41
N GLY A 95 -3.80 -10.85 12.61
CA GLY A 95 -3.39 -10.04 13.74
C GLY A 95 -1.92 -10.10 14.09
N PRO A 96 -1.36 -11.32 14.26
CA PRO A 96 0.05 -11.39 14.65
C PRO A 96 1.01 -10.79 13.61
N PHE A 97 0.72 -10.97 12.33
CA PHE A 97 1.54 -10.40 11.26
C PHE A 97 1.49 -8.87 11.34
N VAL A 98 0.29 -8.32 11.47
CA VAL A 98 0.12 -6.89 11.60
C VAL A 98 0.85 -6.37 12.83
N GLN A 99 0.76 -7.10 13.93
CA GLN A 99 1.41 -6.68 15.17
C GLN A 99 2.92 -6.69 15.02
N LYS A 100 3.44 -7.70 14.32
CA LYS A 100 4.89 -7.81 14.12
C LYS A 100 5.40 -6.61 13.33
N TRP A 101 4.62 -6.20 12.34
CA TRP A 101 5.05 -5.13 11.45
C TRP A 101 4.47 -3.78 11.82
N ASN A 102 3.98 -3.69 13.06
CA ASN A 102 3.39 -2.44 13.54
C ASN A 102 4.36 -1.26 13.43
N GLY A 103 3.89 -0.20 12.77
CA GLY A 103 4.68 1.00 12.56
C GLY A 103 5.62 0.89 11.38
N LYS A 104 5.55 -0.24 10.68
N LYS A 104 5.56 -0.25 10.68
CA LYS A 104 6.45 -0.52 9.57
CA LYS A 104 6.45 -0.50 9.56
C LYS A 104 5.71 -0.85 8.27
C LYS A 104 5.71 -1.00 8.32
N MET A 105 4.38 -0.87 8.31
CA MET A 105 3.61 -1.33 7.18
C MET A 105 2.56 -0.29 6.78
N LEU A 106 2.59 0.11 5.50
CA LEU A 106 1.75 1.17 4.97
C LEU A 106 0.78 0.62 3.93
N ASN A 107 -0.42 1.20 3.86
CA ASN A 107 -1.42 0.82 2.86
C ASN A 107 -1.95 2.04 2.15
N ILE A 108 -2.28 1.91 0.87
CA ILE A 108 -2.98 2.97 0.14
C ILE A 108 -4.44 2.55 -0.04
N HIS A 109 -5.33 3.50 0.25
CA HIS A 109 -6.76 3.24 0.20
C HIS A 109 -7.43 4.36 -0.57
N PRO A 110 -8.29 4.01 -1.55
CA PRO A 110 -8.86 5.04 -2.45
C PRO A 110 -10.13 5.70 -1.93
N SER A 111 -10.09 6.14 -0.66
CA SER A 111 -11.08 7.08 -0.15
C SER A 111 -10.38 7.98 0.85
N LEU A 112 -11.08 9.02 1.28
CA LEU A 112 -10.66 9.80 2.45
C LEU A 112 -11.17 9.10 3.71
N LEU A 113 -10.36 8.21 4.26
CA LEU A 113 -10.71 7.54 5.52
C LEU A 113 -10.99 8.62 6.55
N PRO A 114 -11.96 8.38 7.44
CA PRO A 114 -12.64 7.11 7.70
C PRO A 114 -13.88 6.79 6.83
N SER A 115 -14.16 7.58 5.81
CA SER A 115 -15.26 7.25 4.89
C SER A 115 -14.88 6.08 4.00
N PHE A 116 -15.87 5.26 3.69
CA PHE A 116 -15.79 4.23 2.65
C PHE A 116 -14.64 3.25 2.86
N LYS A 117 -14.60 2.69 4.06
CA LYS A 117 -13.71 1.55 4.33
C LYS A 117 -14.13 0.34 3.50
N GLY A 118 -13.18 -0.53 3.18
CA GLY A 118 -13.49 -1.76 2.49
C GLY A 118 -12.91 -1.87 1.10
N SER A 119 -13.35 -2.89 0.37
CA SER A 119 -12.71 -3.21 -0.90
C SER A 119 -13.33 -2.54 -2.11
N ASN A 120 -14.44 -1.82 -1.91
CA ASN A 120 -15.14 -1.18 -3.01
C ASN A 120 -15.42 0.29 -2.72
N ALA A 121 -14.37 1.01 -2.34
CA ALA A 121 -14.54 2.40 -1.92
C ALA A 121 -15.19 3.29 -2.98
N HIS A 122 -14.82 3.14 -4.26
CA HIS A 122 -15.39 4.01 -5.28
C HIS A 122 -16.89 3.74 -5.46
N GLU A 123 -17.28 2.46 -5.43
CA GLU A 123 -18.70 2.14 -5.52
C GLU A 123 -19.46 2.83 -4.41
N GLN A 124 -18.90 2.80 -3.21
CA GLN A 124 -19.55 3.44 -2.06
C GLN A 124 -19.63 4.95 -2.20
N ALA A 125 -18.52 5.56 -2.63
CA ALA A 125 -18.49 6.99 -2.81
C ALA A 125 -19.55 7.45 -3.81
N LEU A 126 -19.66 6.70 -4.91
CA LEU A 126 -20.61 7.06 -5.94
C LEU A 126 -22.06 6.84 -5.46
N GLU A 127 -22.30 5.74 -4.75
CA GLU A 127 -23.64 5.46 -4.24
C GLU A 127 -24.06 6.53 -3.24
N THR A 128 -23.12 6.96 -2.42
CA THR A 128 -23.40 7.95 -1.37
C THR A 128 -23.62 9.33 -1.96
N GLY A 129 -22.95 9.64 -3.07
CA GLY A 129 -23.15 10.91 -3.73
C GLY A 129 -22.23 12.04 -3.28
N VAL A 130 -21.08 11.69 -2.72
CA VAL A 130 -20.13 12.75 -2.35
C VAL A 130 -19.68 13.48 -3.61
N THR A 131 -19.27 14.73 -3.45
CA THR A 131 -18.66 15.46 -4.57
C THR A 131 -17.16 15.60 -4.37
N VAL A 132 -16.69 15.21 -3.19
CA VAL A 132 -15.25 15.13 -2.92
C VAL A 132 -14.90 13.77 -2.35
N THR A 133 -13.95 13.07 -2.98
CA THR A 133 -13.40 11.85 -2.42
C THR A 133 -11.89 12.04 -2.34
N GLY A 134 -11.11 10.96 -2.41
CA GLY A 134 -9.67 11.12 -2.38
C GLY A 134 -9.02 9.80 -2.04
N CYS A 135 -7.80 9.87 -1.52
CA CYS A 135 -7.09 8.67 -1.12
C CYS A 135 -6.33 8.92 0.16
N THR A 136 -5.93 7.83 0.79
CA THR A 136 -5.31 7.82 2.12
C THR A 136 -4.17 6.84 2.17
N VAL A 137 -3.01 7.27 2.67
CA VAL A 137 -1.99 6.31 3.08
C VAL A 137 -2.00 6.23 4.60
N HIS A 138 -2.08 5.01 5.13
CA HIS A 138 -2.15 4.83 6.58
C HIS A 138 -1.27 3.68 7.03
N PHE A 139 -0.85 3.73 8.28
CA PHE A 139 -0.25 2.56 8.90
C PHE A 139 -1.29 1.47 9.02
N VAL A 140 -0.87 0.24 8.78
CA VAL A 140 -1.78 -0.89 8.88
C VAL A 140 -1.96 -1.36 10.32
N ALA A 141 -3.20 -1.32 10.79
CA ALA A 141 -3.56 -1.83 12.11
C ALA A 141 -4.41 -3.08 11.94
N GLU A 142 -4.70 -3.80 13.01
CA GLU A 142 -5.45 -5.04 12.84
C GLU A 142 -6.84 -4.77 12.27
N ASP A 143 -7.51 -3.75 12.79
N ASP A 143 -7.52 -3.76 12.79
CA ASP A 143 -8.79 -3.29 12.25
CA ASP A 143 -8.81 -3.37 12.22
C ASP A 143 -8.57 -2.72 10.85
C ASP A 143 -8.60 -2.72 10.86
N VAL A 144 -9.22 -3.31 9.85
CA VAL A 144 -8.98 -2.91 8.46
C VAL A 144 -9.36 -1.46 8.17
N ASP A 145 -8.43 -0.76 7.52
CA ASP A 145 -8.59 0.64 7.11
C ASP A 145 -8.82 1.58 8.29
N ALA A 146 -8.33 1.21 9.46
CA ALA A 146 -8.52 2.01 10.68
C ALA A 146 -7.22 2.48 11.31
N GLY A 147 -6.08 2.11 10.72
CA GLY A 147 -4.78 2.50 11.25
C GLY A 147 -4.48 3.98 11.09
N GLN A 148 -3.36 4.43 11.67
CA GLN A 148 -3.09 5.85 11.76
C GLN A 148 -2.76 6.46 10.40
N ILE A 149 -3.44 7.55 10.11
CA ILE A 149 -3.32 8.22 8.81
C ILE A 149 -2.02 9.01 8.71
N ILE A 150 -1.33 8.81 7.58
CA ILE A 150 -0.07 9.50 7.31
C ILE A 150 -0.29 10.69 6.37
N LEU A 151 -0.86 10.42 5.18
CA LEU A 151 -1.16 11.48 4.20
C LEU A 151 -2.49 11.17 3.53
N GLN A 152 -3.13 12.23 3.03
CA GLN A 152 -4.38 12.11 2.28
C GLN A 152 -4.36 13.17 1.21
N GLU A 153 -5.13 12.94 0.14
CA GLU A 153 -5.30 13.97 -0.89
C GLU A 153 -6.73 13.89 -1.41
N ALA A 154 -7.40 15.04 -1.44
CA ALA A 154 -8.76 15.11 -1.96
C ALA A 154 -8.78 15.14 -3.48
N VAL A 155 -9.83 14.53 -4.03
CA VAL A 155 -10.05 14.40 -5.47
C VAL A 155 -11.53 14.65 -5.73
N PRO A 156 -11.86 15.53 -6.69
CA PRO A 156 -13.28 15.79 -6.94
C PRO A 156 -13.96 14.61 -7.63
N VAL A 157 -15.24 14.44 -7.35
CA VAL A 157 -16.12 13.55 -8.10
C VAL A 157 -16.85 14.41 -9.13
N LYS A 158 -16.80 13.99 -10.39
CA LYS A 158 -17.48 14.73 -11.44
C LYS A 158 -18.80 14.06 -11.72
N ARG A 159 -19.79 14.86 -12.09
N ARG A 159 -19.80 14.87 -12.07
CA ARG A 159 -21.09 14.29 -12.39
CA ARG A 159 -21.11 14.30 -12.39
C ARG A 159 -20.98 13.35 -13.57
C ARG A 159 -20.97 13.33 -13.56
N GLY A 160 -21.62 12.19 -13.44
CA GLY A 160 -21.53 11.15 -14.45
C GLY A 160 -20.35 10.21 -14.25
N ASP A 161 -19.55 10.44 -13.20
CA ASP A 161 -18.43 9.53 -12.94
C ASP A 161 -18.89 8.09 -12.76
N THR A 162 -17.99 7.19 -13.14
CA THR A 162 -18.14 5.77 -12.90
C THR A 162 -16.93 5.32 -12.09
N VAL A 163 -16.95 4.07 -11.63
CA VAL A 163 -15.75 3.52 -11.03
C VAL A 163 -14.54 3.69 -11.97
N ALA A 164 -14.74 3.46 -13.26
CA ALA A 164 -13.63 3.62 -14.23
C ALA A 164 -13.04 5.03 -14.23
N THR A 165 -13.89 6.05 -14.32
CA THR A 165 -13.36 7.41 -14.46
C THR A 165 -12.91 7.96 -13.10
N LEU A 166 -13.63 7.63 -12.04
CA LEU A 166 -13.26 8.11 -10.71
C LEU A 166 -11.96 7.46 -10.23
N SER A 167 -11.82 6.14 -10.43
N SER A 167 -11.83 6.15 -10.42
CA SER A 167 -10.60 5.47 -9.99
CA SER A 167 -10.61 5.44 -10.01
C SER A 167 -9.38 6.00 -10.75
C SER A 167 -9.39 5.98 -10.75
N GLU A 168 -9.58 6.32 -12.02
CA GLU A 168 -8.51 6.89 -12.83
C GLU A 168 -8.02 8.22 -12.23
N ARG A 169 -8.97 9.08 -11.85
CA ARG A 169 -8.62 10.39 -11.30
C ARG A 169 -7.98 10.22 -9.93
N VAL A 170 -8.50 9.32 -9.12
CA VAL A 170 -7.96 9.13 -7.78
C VAL A 170 -6.56 8.51 -7.82
N LYS A 171 -6.29 7.65 -8.80
CA LYS A 171 -4.97 7.05 -8.89
C LYS A 171 -3.87 8.09 -9.13
N LEU A 172 -4.20 9.19 -9.81
CA LEU A 172 -3.21 10.25 -10.00
C LEU A 172 -2.74 10.79 -8.66
N ALA A 173 -3.67 10.90 -7.72
CA ALA A 173 -3.33 11.38 -6.38
C ALA A 173 -2.61 10.28 -5.57
N GLU A 174 -3.03 9.03 -5.75
N GLU A 174 -3.04 9.04 -5.75
CA GLU A 174 -2.39 7.93 -5.05
CA GLU A 174 -2.41 7.91 -5.07
C GLU A 174 -0.90 7.92 -5.37
C GLU A 174 -0.92 7.86 -5.38
N HIS A 175 -0.60 8.13 -6.64
CA HIS A 175 0.78 8.08 -7.11
C HIS A 175 1.63 9.23 -6.60
N LYS A 176 0.98 10.23 -6.01
N LYS A 176 0.97 10.23 -6.02
CA LYS A 176 1.70 11.31 -5.36
CA LYS A 176 1.66 11.34 -5.36
C LYS A 176 1.90 11.02 -3.88
C LYS A 176 1.89 11.01 -3.89
N ILE A 177 0.82 10.68 -3.18
CA ILE A 177 0.95 10.55 -1.72
C ILE A 177 1.60 9.25 -1.27
N PHE A 178 1.53 8.18 -2.05
CA PHE A 178 2.16 6.95 -1.55
C PHE A 178 3.69 7.09 -1.57
N PRO A 179 4.27 7.58 -2.68
CA PRO A 179 5.72 7.86 -2.61
C PRO A 179 6.10 8.86 -1.50
N ALA A 180 5.29 9.90 -1.32
CA ALA A 180 5.61 10.90 -0.28
C ALA A 180 5.57 10.26 1.10
N ALA A 181 4.54 9.47 1.38
CA ALA A 181 4.42 8.81 2.68
C ALA A 181 5.54 7.82 2.93
N LEU A 182 5.91 7.05 1.91
CA LEU A 182 7.01 6.10 2.07
C LEU A 182 8.30 6.85 2.42
N GLN A 183 8.54 7.98 1.76
CA GLN A 183 9.73 8.75 2.06
C GLN A 183 9.70 9.29 3.50
N LEU A 184 8.53 9.74 3.95
CA LEU A 184 8.41 10.24 5.32
C LEU A 184 8.75 9.16 6.35
N VAL A 185 8.27 7.94 6.12
CA VAL A 185 8.52 6.87 7.07
C VAL A 185 9.96 6.34 6.95
N ALA A 186 10.46 6.18 5.71
CA ALA A 186 11.80 5.63 5.52
C ALA A 186 12.89 6.56 6.04
N SER A 187 12.65 7.86 6.01
N SER A 187 12.63 7.86 6.01
CA SER A 187 13.62 8.83 6.49
CA SER A 187 13.60 8.85 6.48
C SER A 187 13.59 8.93 8.02
C SER A 187 13.51 9.04 8.00
N GLY A 188 12.52 8.41 8.62
CA GLY A 188 12.30 8.54 10.05
C GLY A 188 11.65 9.85 10.43
N THR A 189 11.12 10.57 9.45
CA THR A 189 10.44 11.84 9.69
C THR A 189 9.10 11.63 10.37
N VAL A 190 8.43 10.55 9.98
CA VAL A 190 7.15 10.18 10.57
C VAL A 190 7.28 8.79 11.15
N GLN A 191 6.80 8.60 12.37
CA GLN A 191 6.72 7.26 12.92
C GLN A 191 5.41 7.10 13.67
N LEU A 192 5.05 5.85 13.90
CA LEU A 192 3.91 5.54 14.76
C LEU A 192 4.38 5.73 16.20
N GLY A 193 3.71 6.63 16.93
CA GLY A 193 4.09 6.90 18.31
C GLY A 193 3.73 5.77 19.25
N GLU A 194 4.45 5.69 20.37
CA GLU A 194 4.20 4.66 21.39
C GLU A 194 2.75 4.73 21.91
N ASN A 195 2.22 5.95 21.97
CA ASN A 195 0.83 6.16 22.36
C ASN A 195 -0.14 5.76 21.23
N GLY A 196 0.42 5.36 20.10
CA GLY A 196 -0.38 4.86 18.99
C GLY A 196 -0.72 5.91 17.95
N LYS A 197 -0.53 7.18 18.30
CA LYS A 197 -0.82 8.28 17.37
C LYS A 197 0.40 8.57 16.50
N ILE A 198 0.19 9.22 15.36
CA ILE A 198 1.30 9.50 14.46
C ILE A 198 2.22 10.59 15.04
N CYS A 199 3.52 10.41 14.88
CA CYS A 199 4.52 11.33 15.42
C CYS A 199 5.38 11.90 14.30
N TRP A 200 5.33 13.23 14.13
CA TRP A 200 6.26 13.91 13.23
C TRP A 200 7.46 14.35 14.02
N VAL A 201 8.60 13.73 13.75
CA VAL A 201 9.84 14.04 14.43
C VAL A 201 10.53 15.27 13.84
C1 GAR B . -5.57 1.34 -6.03
O6 GAR B . -6.54 2.29 -6.46
C2 GAR B . -5.65 1.16 -4.54
O8 GAR B . -5.90 2.38 -3.81
C3 GAR B . -6.82 0.18 -4.40
O4 GAR B . -6.56 -0.73 -5.47
C5 GAR B . -5.97 -0.03 -6.56
C10 GAR B . -4.73 -0.76 -7.02
O12 GAR B . -4.26 -0.20 -8.24
N19 GAR B . -6.85 -0.45 -3.10
C21 GAR B . -8.01 -0.70 -2.50
O22 GAR B . -9.09 -0.54 -3.04
C23 GAR B . -7.95 -1.23 -1.09
N24 GAR B . -6.64 -1.09 -0.52
P15 GAR B . -2.77 -0.55 -8.76
O16 GAR B . -2.75 0.10 -10.14
O17 GAR B . -2.70 -2.06 -8.76
O18 GAR B . -1.87 0.07 -7.75
N1 3YB C . -5.23 -6.05 6.84
C2 3YB C . -5.43 -5.52 8.05
N3 3YB C . -5.58 -4.19 8.20
C4 3YB C . -5.55 -3.34 7.15
N5 3YB C . -4.99 -5.58 4.49
C6 3YB C . -5.04 -4.47 3.72
C7 3YB C . -5.22 -3.38 4.55
C8 3YB C . -5.33 -3.87 5.87
C9 3YB C . -5.18 -5.26 5.76
O10 3YB C . -5.70 -2.13 7.37
N11 3YB C . -5.48 -6.34 9.21
C12 3YB C . -9.80 -6.25 1.41
C13 3YB C . -10.91 -6.86 1.90
S14 3YB C . -11.72 -5.64 2.77
C15 3YB C . -10.64 -4.35 2.50
C16 3YB C . -9.65 -4.87 1.72
C17 3YB C . -11.29 -8.25 1.75
O18 3YB C . -12.39 -8.59 2.13
N19 3YB C . -10.37 -9.20 1.18
C20 3YB C . -10.70 -10.51 1.04
C21 3YB C . -10.35 -10.98 -0.25
C22 3YB C . -10.47 -9.92 -1.29
C23 3YB C . -9.93 -10.41 -2.58
O24 3YB C . -9.02 -11.31 -2.59
O25 3YB C . -10.37 -9.95 -3.67
C26 3YB C . -10.01 -11.30 1.98
O27 3YB C . -10.52 -12.39 2.35
O28 3YB C . -8.88 -10.97 2.43
C29 3YB C . -4.85 -4.46 2.24
C30 3YB C . -6.06 -3.86 1.59
C31 3YB C . -7.26 -4.68 1.89
C32 3YB C . -8.47 -4.09 1.25
#